data_7Z25
#
_entry.id   7Z25
#
_cell.length_a   54.294
_cell.length_b   58.845
_cell.length_c   66.575
_cell.angle_alpha   90.000
_cell.angle_beta   90.000
_cell.angle_gamma   90.000
#
_symmetry.space_group_name_H-M   'P 21 21 21'
#
loop_
_entity.id
_entity.type
_entity.pdbx_description
1 polymer 'Serine protease 1'
2 non-polymer 'DIMETHYL SULFOXIDE'
3 non-polymer 'CALCIUM ION'
4 non-polymer 2-(5-bromanyl-7-fluoranyl-2-methyl-1H-indol-3-yl)ethanamine
5 water water
#
_entity_poly.entity_id   1
_entity_poly.type   'polypeptide(L)'
_entity_poly.pdbx_seq_one_letter_code
;IVGGYTCGANTVPYQVSLNSGYHFCGGSLINSQWVVSAAHCYKSGIQVRLGEDNINVVEGNEQFISASKSIVHPSYNSNT
LNNDIMLIKLKSAASLNSRVASISLPTSCASAGTQCLISGWGNTKSSGTSYPDVLKCLKAPILSDSSCKSAYPGQITSNM
FCAGYLEGGKDSCQGDSGGPVVCSGKLQGIVSWGSGCAQKNKPGVYTKVCNYVSWIKQTIASN
;
_entity_poly.pdbx_strand_id   A
#
loop_
_chem_comp.id
_chem_comp.type
_chem_comp.name
_chem_comp.formula
CA non-polymer 'CALCIUM ION' 'Ca 2'
DMS non-polymer 'DIMETHYL SULFOXIDE' 'C2 H6 O S'
IAF non-polymer 2-(5-bromanyl-7-fluoranyl-2-methyl-1H-indol-3-yl)ethanamine 'C11 H12 Br F N2'
#
# COMPACT_ATOMS: atom_id res chain seq x y z
N ILE A 1 -10.73 -1.32 3.64
CA ILE A 1 -11.28 -0.27 2.77
C ILE A 1 -12.72 -0.01 3.17
N VAL A 2 -13.03 1.24 3.49
CA VAL A 2 -14.41 1.62 3.83
C VAL A 2 -15.05 2.30 2.63
N GLY A 3 -16.27 1.89 2.31
CA GLY A 3 -17.02 2.53 1.22
C GLY A 3 -16.49 2.20 -0.16
N GLY A 4 -15.80 1.08 -0.29
CA GLY A 4 -15.27 0.65 -1.59
C GLY A 4 -16.13 -0.41 -2.24
N TYR A 5 -15.51 -1.24 -3.07
CA TYR A 5 -16.21 -2.26 -3.84
C TYR A 5 -15.33 -3.51 -3.91
N THR A 6 -15.97 -4.64 -4.16
CA THR A 6 -15.25 -5.89 -4.37
C THR A 6 -14.48 -5.79 -5.70
N CYS A 7 -13.16 -5.90 -5.63
CA CYS A 7 -12.32 -5.67 -6.84
C CYS A 7 -12.65 -6.67 -7.94
N GLY A 8 -12.83 -7.93 -7.54
CA GLY A 8 -12.88 -9.05 -8.47
C GLY A 8 -11.57 -9.81 -8.39
N ALA A 9 -11.65 -11.14 -8.42
CA ALA A 9 -10.50 -11.99 -8.19
C ALA A 9 -9.36 -11.71 -9.16
N ASN A 10 -8.18 -11.43 -8.60
CA ASN A 10 -6.93 -11.27 -9.33
C ASN A 10 -6.92 -10.12 -10.34
N THR A 11 -7.81 -9.15 -10.15
CA THR A 11 -7.89 -7.96 -11.00
C THR A 11 -6.88 -6.89 -10.57
N VAL A 12 -6.23 -7.09 -9.42
CA VAL A 12 -5.21 -6.18 -8.89
C VAL A 12 -3.96 -7.03 -8.70
N PRO A 13 -3.26 -7.36 -9.80
CA PRO A 13 -2.36 -8.52 -9.74
C PRO A 13 -1.03 -8.26 -9.05
N TYR A 14 -0.76 -6.99 -8.73
CA TYR A 14 0.40 -6.58 -7.96
C TYR A 14 0.11 -6.54 -6.45
N GLN A 15 -1.14 -6.72 -6.04
CA GLN A 15 -1.49 -6.68 -4.62
C GLN A 15 -1.05 -7.94 -3.92
N VAL A 16 -0.30 -7.74 -2.83
N VAL A 16 -0.27 -7.78 -2.85
CA VAL A 16 0.15 -8.85 -1.98
CA VAL A 16 0.09 -8.95 -2.03
C VAL A 16 -0.47 -8.77 -0.58
C VAL A 16 -0.45 -8.79 -0.60
N SER A 17 -0.63 -9.94 0.03
CA SER A 17 -0.95 -10.03 1.45
C SER A 17 0.31 -10.49 2.19
N LEU A 18 0.67 -9.75 3.24
CA LEU A 18 1.75 -10.18 4.13
C LEU A 18 1.13 -10.99 5.26
N ASN A 19 1.61 -12.21 5.44
CA ASN A 19 1.03 -13.17 6.37
C ASN A 19 2.08 -13.64 7.38
N SER A 20 1.74 -13.59 8.67
CA SER A 20 2.60 -14.13 9.74
C SER A 20 1.74 -15.04 10.63
N GLY A 21 0.97 -15.91 9.99
CA GLY A 21 -0.07 -16.69 10.69
C GLY A 21 -1.48 -16.23 10.35
N TYR A 22 -1.53 -15.06 9.72
CA TYR A 22 -2.76 -14.30 9.46
C TYR A 22 -2.32 -13.12 8.61
N HIS A 23 -3.26 -12.58 7.84
CA HIS A 23 -3.00 -11.34 7.10
C HIS A 23 -2.74 -10.21 8.09
N PHE A 24 -1.68 -9.42 7.90
CA PHE A 24 -1.47 -8.24 8.76
C PHE A 24 -1.19 -6.94 8.02
N CYS A 25 -0.89 -7.01 6.73
CA CYS A 25 -0.60 -5.81 5.94
C CYS A 25 -0.64 -6.17 4.47
N GLY A 26 -0.85 -5.15 3.65
CA GLY A 26 -0.67 -5.31 2.23
C GLY A 26 0.74 -4.94 1.78
N GLY A 27 0.96 -5.09 0.48
CA GLY A 27 2.20 -4.71 -0.18
C GLY A 27 1.97 -4.73 -1.66
N SER A 28 2.99 -4.32 -2.40
CA SER A 28 2.93 -4.23 -3.86
C SER A 28 4.13 -4.94 -4.48
N LEU A 29 3.87 -5.84 -5.42
CA LEU A 29 4.95 -6.53 -6.13
C LEU A 29 5.54 -5.60 -7.16
N ILE A 30 6.85 -5.34 -7.05
CA ILE A 30 7.51 -4.39 -7.99
C ILE A 30 8.46 -5.08 -9.00
N ASN A 31 8.82 -6.32 -8.74
CA ASN A 31 9.48 -7.19 -9.72
C ASN A 31 9.36 -8.61 -9.20
N SER A 32 9.94 -9.60 -9.87
CA SER A 32 9.70 -10.98 -9.47
C SER A 32 10.21 -11.34 -8.08
N GLN A 33 11.13 -10.53 -7.54
CA GLN A 33 11.77 -10.84 -6.24
C GLN A 33 11.51 -9.81 -5.12
N TRP A 34 10.80 -8.73 -5.42
CA TRP A 34 10.70 -7.65 -4.43
C TRP A 34 9.31 -7.09 -4.27
N VAL A 35 8.97 -6.83 -3.01
CA VAL A 35 7.70 -6.20 -2.61
C VAL A 35 7.99 -4.89 -1.86
N VAL A 36 7.19 -3.86 -2.17
N VAL A 36 7.20 -3.87 -2.13
CA VAL A 36 7.17 -2.60 -1.42
CA VAL A 36 7.29 -2.68 -1.31
C VAL A 36 6.02 -2.64 -0.41
C VAL A 36 6.05 -2.52 -0.44
N SER A 37 6.30 -2.23 0.83
CA SER A 37 5.25 -2.09 1.83
C SER A 37 5.56 -0.88 2.72
N ALA A 38 4.81 -0.74 3.82
CA ALA A 38 5.07 0.36 4.76
C ALA A 38 6.06 -0.12 5.81
N ALA A 39 6.95 0.78 6.23
CA ALA A 39 7.86 0.49 7.35
C ALA A 39 7.10 0.11 8.63
N HIS A 40 5.91 0.69 8.84
CA HIS A 40 5.18 0.37 10.08
C HIS A 40 4.60 -1.07 10.04
N CYS A 41 4.73 -1.75 8.88
CA CYS A 41 4.37 -3.17 8.74
C CYS A 41 5.54 -4.11 9.09
N TYR A 42 6.72 -3.57 9.40
CA TYR A 42 7.85 -4.44 9.71
C TYR A 42 7.57 -5.38 10.87
N LYS A 43 7.92 -6.65 10.66
CA LYS A 43 8.05 -7.67 11.71
C LYS A 43 8.89 -8.78 11.11
N SER A 44 9.29 -9.74 11.94
CA SER A 44 9.96 -10.91 11.36
C SER A 44 8.94 -12.00 11.04
N GLY A 45 9.38 -13.02 10.31
CA GLY A 45 8.53 -14.17 10.00
C GLY A 45 7.43 -13.89 9.00
N ILE A 46 7.76 -13.12 7.97
CA ILE A 46 6.80 -12.75 6.95
C ILE A 46 6.78 -13.75 5.81
N GLN A 47 5.58 -14.20 5.46
CA GLN A 47 5.35 -14.90 4.21
C GLN A 47 4.56 -14.00 3.28
N VAL A 48 5.05 -13.84 2.06
CA VAL A 48 4.36 -13.05 1.06
C VAL A 48 3.39 -13.94 0.30
N ARG A 49 2.14 -13.50 0.22
CA ARG A 49 1.11 -14.24 -0.49
C ARG A 49 0.64 -13.44 -1.71
N LEU A 50 1.01 -13.96 -2.88
N LEU A 50 1.00 -13.97 -2.87
CA LEU A 50 0.67 -13.37 -4.18
CA LEU A 50 0.67 -13.40 -4.18
C LEU A 50 -0.50 -14.13 -4.82
C LEU A 50 -0.54 -14.11 -4.76
N GLY A 51 -1.24 -13.47 -5.70
CA GLY A 51 -2.33 -14.12 -6.39
C GLY A 51 -3.55 -14.38 -5.53
N GLU A 52 -3.67 -13.63 -4.43
CA GLU A 52 -4.79 -13.81 -3.47
C GLU A 52 -6.03 -13.06 -3.88
N ASP A 53 -7.19 -13.71 -3.68
CA ASP A 53 -8.46 -12.98 -3.59
C ASP A 53 -9.06 -13.21 -2.20
N ASN A 54 -9.66 -14.38 -1.96
CA ASN A 54 -10.10 -14.73 -0.62
C ASN A 54 -8.90 -15.21 0.18
N ILE A 55 -8.47 -14.43 1.17
CA ILE A 55 -7.27 -14.77 1.93
C ILE A 55 -7.49 -15.95 2.89
N ASN A 56 -8.74 -16.38 3.05
CA ASN A 56 -9.05 -17.54 3.86
C ASN A 56 -9.24 -18.85 3.10
N VAL A 57 -9.18 -18.83 1.77
CA VAL A 57 -9.44 -20.02 0.94
C VAL A 57 -8.38 -20.14 -0.13
N VAL A 58 -7.81 -21.34 -0.29
CA VAL A 58 -6.86 -21.57 -1.38
C VAL A 58 -7.66 -21.82 -2.66
N GLU A 59 -7.65 -20.81 -3.54
CA GLU A 59 -8.51 -20.78 -4.71
C GLU A 59 -7.78 -21.20 -5.99
N GLY A 60 -6.45 -21.24 -5.97
CA GLY A 60 -5.71 -21.89 -7.06
C GLY A 60 -4.72 -21.03 -7.81
N ASN A 61 -4.73 -19.71 -7.58
CA ASN A 61 -3.77 -18.83 -8.26
C ASN A 61 -2.74 -18.25 -7.32
N GLU A 62 -2.72 -18.69 -6.05
CA GLU A 62 -1.77 -18.16 -5.08
C GLU A 62 -0.35 -18.64 -5.29
N GLN A 63 0.60 -17.81 -4.87
CA GLN A 63 1.99 -18.24 -4.66
C GLN A 63 2.37 -17.75 -3.27
N PHE A 64 2.86 -18.67 -2.45
CA PHE A 64 3.26 -18.38 -1.09
C PHE A 64 4.78 -18.44 -1.05
N ILE A 65 5.43 -17.32 -0.75
CA ILE A 65 6.90 -17.26 -0.75
C ILE A 65 7.39 -16.52 0.50
N SER A 66 8.25 -17.17 1.28
CA SER A 66 8.77 -16.51 2.48
C SER A 66 9.72 -15.37 2.14
N ALA A 67 9.71 -14.34 2.97
CA ALA A 67 10.69 -13.26 2.85
C ALA A 67 12.07 -13.76 3.26
N SER A 68 13.08 -13.42 2.46
CA SER A 68 14.47 -13.67 2.88
C SER A 68 15.08 -12.49 3.63
N LYS A 69 14.61 -11.29 3.36
CA LYS A 69 15.18 -10.08 3.97
C LYS A 69 14.14 -8.97 3.92
N SER A 70 14.04 -8.19 4.98
N SER A 70 14.08 -8.17 4.97
CA SER A 70 13.29 -6.94 4.91
CA SER A 70 13.29 -6.95 4.99
C SER A 70 14.22 -5.77 5.19
C SER A 70 14.21 -5.76 5.23
N ILE A 71 13.98 -4.67 4.48
CA ILE A 71 14.81 -3.47 4.62
C ILE A 71 13.88 -2.28 4.89
N VAL A 72 13.85 -1.83 6.13
CA VAL A 72 13.11 -0.61 6.50
C VAL A 72 13.94 0.59 6.04
N HIS A 73 13.27 1.62 5.53
CA HIS A 73 13.98 2.81 5.07
C HIS A 73 14.94 3.31 6.18
N PRO A 74 16.17 3.72 5.80
CA PRO A 74 17.14 4.17 6.80
C PRO A 74 16.69 5.36 7.64
N SER A 75 15.79 6.16 7.10
CA SER A 75 15.31 7.36 7.79
C SER A 75 13.90 7.25 8.37
N TYR A 76 13.33 6.05 8.39
CA TYR A 76 11.99 5.89 8.95
C TYR A 76 11.96 6.32 10.40
N ASN A 77 10.97 7.17 10.72
CA ASN A 77 10.68 7.55 12.09
C ASN A 77 9.31 7.02 12.48
N SER A 78 9.27 6.12 13.46
CA SER A 78 8.04 5.44 13.81
C SER A 78 7.08 6.31 14.62
N ASN A 79 7.58 7.43 15.16
CA ASN A 79 6.70 8.39 15.86
C ASN A 79 5.91 9.29 14.89
N THR A 80 6.59 9.83 13.87
CA THR A 80 5.97 10.73 12.90
C THR A 80 5.46 10.03 11.64
N LEU A 81 5.91 8.79 11.45
CA LEU A 81 5.71 8.01 10.21
C LEU A 81 6.37 8.64 8.97
N ASN A 82 7.31 9.55 9.19
CA ASN A 82 8.07 10.05 8.06
C ASN A 82 8.93 8.93 7.46
N ASN A 83 8.90 8.81 6.14
CA ASN A 83 9.65 7.78 5.39
C ASN A 83 9.10 6.38 5.68
N ASP A 84 7.77 6.26 5.60
CA ASP A 84 7.08 5.01 5.92
C ASP A 84 7.09 4.06 4.73
N ILE A 85 8.25 3.43 4.52
CA ILE A 85 8.43 2.53 3.39
C ILE A 85 9.43 1.46 3.76
N MET A 86 9.19 0.27 3.24
N MET A 86 9.18 0.25 3.27
CA MET A 86 10.01 -0.91 3.49
CA MET A 86 10.12 -0.85 3.42
C MET A 86 10.09 -1.72 2.19
C MET A 86 10.07 -1.79 2.24
N LEU A 87 11.22 -2.41 1.98
CA LEU A 87 11.35 -3.38 0.88
C LEU A 87 11.48 -4.78 1.46
N ILE A 88 10.86 -5.74 0.79
CA ILE A 88 10.90 -7.14 1.24
C ILE A 88 11.37 -7.96 0.03
N LYS A 89 12.48 -8.70 0.21
CA LYS A 89 12.97 -9.61 -0.82
C LYS A 89 12.39 -11.00 -0.61
N LEU A 90 11.94 -11.64 -1.69
CA LEU A 90 11.40 -13.00 -1.65
C LEU A 90 12.52 -14.02 -1.72
N LYS A 91 12.34 -15.14 -1.00
CA LYS A 91 13.32 -16.23 -0.98
C LYS A 91 13.53 -16.85 -2.36
N SER A 92 12.50 -16.84 -3.19
CA SER A 92 12.57 -17.33 -4.56
C SER A 92 11.73 -16.39 -5.41
N ALA A 93 12.05 -16.30 -6.68
CA ALA A 93 11.33 -15.43 -7.58
C ALA A 93 9.90 -15.92 -7.83
N ALA A 94 8.96 -14.99 -7.82
CA ALA A 94 7.58 -15.30 -8.18
C ALA A 94 7.50 -15.62 -9.66
N SER A 95 6.51 -16.43 -10.02
N SER A 95 6.50 -16.42 -10.04
CA SER A 95 6.22 -16.68 -11.43
CA SER A 95 6.21 -16.68 -11.46
C SER A 95 5.20 -15.63 -11.86
C SER A 95 5.17 -15.70 -11.95
N LEU A 96 5.60 -14.78 -12.81
CA LEU A 96 4.73 -13.71 -13.28
C LEU A 96 3.83 -14.17 -14.44
N ASN A 97 2.58 -13.75 -14.34
CA ASN A 97 1.49 -14.10 -15.26
C ASN A 97 0.41 -13.01 -15.18
N SER A 98 -0.73 -13.20 -15.83
N SER A 98 -0.74 -13.18 -15.84
CA SER A 98 -1.80 -12.18 -15.88
CA SER A 98 -1.78 -12.14 -15.87
C SER A 98 -2.32 -11.83 -14.47
C SER A 98 -2.41 -11.86 -14.50
N ARG A 99 -2.29 -12.82 -13.59
CA ARG A 99 -2.88 -12.69 -12.26
C ARG A 99 -1.86 -12.34 -11.17
N VAL A 100 -0.57 -12.46 -11.50
CA VAL A 100 0.51 -12.11 -10.59
C VAL A 100 1.49 -11.29 -11.40
N ALA A 101 1.53 -9.99 -11.13
CA ALA A 101 2.23 -9.07 -12.05
C ALA A 101 2.79 -7.94 -11.23
N SER A 102 3.92 -7.41 -11.66
N SER A 102 3.92 -7.41 -11.67
CA SER A 102 4.51 -6.26 -10.98
CA SER A 102 4.52 -6.25 -11.03
C SER A 102 3.88 -4.94 -11.42
C SER A 102 3.76 -4.97 -11.37
N ILE A 103 3.94 -3.96 -10.52
CA ILE A 103 3.47 -2.61 -10.81
C ILE A 103 4.69 -1.70 -11.00
N SER A 104 4.66 -0.90 -12.07
N SER A 104 4.64 -0.88 -12.05
CA SER A 104 5.75 0.03 -12.35
CA SER A 104 5.66 0.11 -12.37
C SER A 104 5.89 1.14 -11.31
C SER A 104 5.88 1.16 -11.28
N LEU A 105 7.14 1.54 -11.07
CA LEU A 105 7.45 2.69 -10.21
C LEU A 105 7.22 3.99 -10.97
N PRO A 106 6.95 5.09 -10.25
CA PRO A 106 6.72 6.34 -10.97
C PRO A 106 8.01 6.93 -11.56
N THR A 107 7.88 7.72 -12.61
CA THR A 107 8.99 8.46 -13.17
C THR A 107 8.96 9.93 -12.71
N SER A 108 7.79 10.37 -12.24
CA SER A 108 7.62 11.70 -11.67
C SER A 108 6.48 11.64 -10.67
N CYS A 109 6.43 12.59 -9.77
CA CYS A 109 5.36 12.62 -8.77
C CYS A 109 4.00 12.93 -9.40
N ALA A 110 2.93 12.51 -8.73
CA ALA A 110 1.56 12.70 -9.19
C ALA A 110 0.98 14.01 -8.66
N SER A 111 -0.08 14.47 -9.30
CA SER A 111 -0.69 15.77 -9.03
C SER A 111 -1.99 15.64 -8.26
N ALA A 112 -2.31 16.67 -7.49
CA ALA A 112 -3.66 16.77 -6.93
C ALA A 112 -4.70 16.61 -8.05
N GLY A 113 -5.75 15.85 -7.75
CA GLY A 113 -6.80 15.56 -8.70
C GLY A 113 -6.61 14.27 -9.48
N THR A 114 -5.38 13.73 -9.50
CA THR A 114 -5.16 12.44 -10.17
C THR A 114 -6.01 11.35 -9.50
N GLN A 115 -6.66 10.51 -10.31
CA GLN A 115 -7.43 9.39 -9.79
C GLN A 115 -6.50 8.22 -9.54
N CYS A 116 -6.76 7.55 -8.42
CA CYS A 116 -5.94 6.40 -8.01
C CYS A 116 -6.83 5.25 -7.61
N LEU A 117 -6.26 4.04 -7.60
CA LEU A 117 -6.93 2.85 -7.09
C LEU A 117 -6.20 2.41 -5.82
N ILE A 118 -6.92 2.39 -4.69
CA ILE A 118 -6.40 1.91 -3.41
C ILE A 118 -7.06 0.56 -3.12
N SER A 119 -6.30 -0.41 -2.60
CA SER A 119 -6.89 -1.72 -2.42
C SER A 119 -6.34 -2.41 -1.18
N GLY A 120 -7.10 -3.36 -0.64
CA GLY A 120 -6.65 -4.09 0.54
C GLY A 120 -7.72 -4.94 1.18
N TRP A 121 -7.29 -5.68 2.21
CA TRP A 121 -8.16 -6.53 3.02
C TRP A 121 -8.40 -5.92 4.41
N GLY A 122 -8.27 -4.62 4.52
CA GLY A 122 -8.53 -3.94 5.78
C GLY A 122 -10.00 -3.85 6.16
N ASN A 123 -10.22 -3.30 7.36
CA ASN A 123 -11.56 -3.07 7.92
C ASN A 123 -12.46 -2.32 6.94
N THR A 124 -13.72 -2.76 6.82
CA THR A 124 -14.69 -2.11 5.93
C THR A 124 -15.68 -1.20 6.68
N LYS A 125 -15.52 -1.08 7.99
CA LYS A 125 -16.39 -0.19 8.78
C LYS A 125 -15.69 1.05 9.31
N SER A 126 -16.37 2.21 9.27
CA SER A 126 -15.83 3.46 9.82
C SER A 126 -16.13 3.59 11.30
N SER A 127 -17.16 2.88 11.73
CA SER A 127 -17.48 2.71 13.14
C SER A 127 -17.74 1.21 13.31
N GLY A 128 -16.99 0.60 14.22
CA GLY A 128 -17.08 -0.84 14.38
C GLY A 128 -16.02 -1.52 13.53
N THR A 129 -16.16 -2.83 13.39
CA THR A 129 -15.09 -3.68 12.87
C THR A 129 -15.62 -4.86 12.08
N SER A 130 -15.24 -4.93 10.81
CA SER A 130 -15.56 -6.08 9.96
C SER A 130 -14.46 -6.25 8.93
N TYR A 131 -13.82 -7.41 8.94
CA TYR A 131 -12.69 -7.68 8.06
C TYR A 131 -13.11 -8.61 6.94
N PRO A 132 -12.89 -8.17 5.69
CA PRO A 132 -13.35 -8.95 4.55
C PRO A 132 -12.42 -10.12 4.25
N ASP A 133 -12.96 -11.07 3.52
CA ASP A 133 -12.18 -12.18 3.01
C ASP A 133 -11.61 -11.84 1.62
N VAL A 134 -12.41 -11.22 0.75
CA VAL A 134 -11.94 -10.91 -0.60
C VAL A 134 -11.41 -9.47 -0.71
N LEU A 135 -10.62 -9.24 -1.75
CA LEU A 135 -9.93 -7.95 -1.89
C LEU A 135 -10.94 -6.83 -2.20
N LYS A 136 -10.79 -5.71 -1.50
CA LYS A 136 -11.64 -4.53 -1.71
C LYS A 136 -10.84 -3.43 -2.38
N CYS A 137 -11.56 -2.59 -3.10
CA CYS A 137 -11.00 -1.55 -3.96
C CYS A 137 -11.69 -0.22 -3.71
N LEU A 138 -10.97 0.88 -3.93
CA LEU A 138 -11.52 2.23 -3.82
C LEU A 138 -10.86 3.11 -4.86
N LYS A 139 -11.66 3.79 -5.68
CA LYS A 139 -11.14 4.84 -6.55
C LYS A 139 -11.18 6.16 -5.74
N ALA A 140 -10.04 6.86 -5.69
CA ALA A 140 -9.93 8.08 -4.90
C ALA A 140 -8.94 9.03 -5.52
N PRO A 141 -9.24 10.32 -5.47
CA PRO A 141 -8.32 11.33 -6.01
C PRO A 141 -7.26 11.76 -4.99
N ILE A 142 -6.08 12.12 -5.47
CA ILE A 142 -5.09 12.80 -4.66
C ILE A 142 -5.60 14.19 -4.32
N LEU A 143 -5.45 14.59 -3.06
CA LEU A 143 -5.87 15.89 -2.58
C LEU A 143 -4.70 16.87 -2.60
N SER A 144 -5.02 18.15 -2.69
CA SER A 144 -3.98 19.19 -2.68
C SER A 144 -3.16 19.15 -1.40
N ASP A 145 -1.90 19.53 -1.51
CA ASP A 145 -1.03 19.64 -0.34
C ASP A 145 -1.66 20.56 0.72
N SER A 146 -2.25 21.66 0.26
CA SER A 146 -2.86 22.60 1.18
CA SER A 146 -2.93 22.61 1.12
C SER A 146 -4.06 21.98 1.92
N SER A 147 -4.91 21.20 1.25
CA SER A 147 -6.03 20.51 1.93
CA SER A 147 -6.02 20.56 1.98
C SER A 147 -5.53 19.48 2.93
N CYS A 148 -4.47 18.78 2.53
CA CYS A 148 -3.88 17.74 3.36
C CYS A 148 -3.34 18.35 4.66
N LYS A 149 -2.57 19.44 4.52
CA LYS A 149 -1.99 20.13 5.69
C LYS A 149 -3.06 20.78 6.56
N SER A 150 -4.11 21.31 5.96
N SER A 150 -4.12 21.30 5.96
CA SER A 150 -5.24 21.85 6.73
CA SER A 150 -5.25 21.85 6.74
C SER A 150 -5.92 20.75 7.56
C SER A 150 -5.98 20.76 7.54
N ALA A 151 -6.04 19.56 6.99
CA ALA A 151 -6.66 18.43 7.68
C ALA A 151 -5.80 17.92 8.84
N TYR A 152 -4.48 17.97 8.66
CA TYR A 152 -3.57 17.44 9.64
C TYR A 152 -2.45 18.44 9.94
N PRO A 153 -2.80 19.54 10.63
CA PRO A 153 -1.81 20.58 10.87
C PRO A 153 -0.58 20.01 11.61
N GLY A 154 0.60 20.37 11.11
CA GLY A 154 1.85 19.99 11.75
C GLY A 154 2.31 18.56 11.53
N GLN A 155 1.60 17.77 10.71
CA GLN A 155 1.93 16.35 10.56
C GLN A 155 2.31 15.88 9.17
N ILE A 156 2.06 16.70 8.15
CA ILE A 156 2.29 16.27 6.77
C ILE A 156 3.67 16.73 6.31
N THR A 157 4.54 15.77 6.04
CA THR A 157 5.88 16.05 5.55
C THR A 157 5.90 16.00 4.02
N SER A 158 7.04 16.36 3.43
CA SER A 158 7.23 16.28 1.98
C SER A 158 7.19 14.85 1.44
N ASN A 159 7.17 13.86 2.34
CA ASN A 159 7.13 12.44 1.98
C ASN A 159 5.75 11.82 2.12
N MET A 160 4.72 12.67 2.20
CA MET A 160 3.35 12.23 2.43
C MET A 160 2.40 12.97 1.51
N PHE A 161 1.32 12.29 1.13
CA PHE A 161 0.19 12.98 0.51
C PHE A 161 -1.12 12.42 1.00
N CYS A 162 -2.19 13.22 0.85
CA CYS A 162 -3.52 12.76 1.21
C CYS A 162 -4.24 12.34 -0.05
N ALA A 163 -5.14 11.37 0.10
CA ALA A 163 -6.03 10.98 -1.00
C ALA A 163 -7.35 10.55 -0.41
N GLY A 164 -8.43 10.75 -1.16
CA GLY A 164 -9.74 10.37 -0.66
C GLY A 164 -10.73 11.51 -0.73
N TYR A 165 -11.56 11.60 0.30
CA TYR A 165 -12.77 12.42 0.26
C TYR A 165 -12.91 13.16 1.56
N LEU A 166 -12.87 14.49 1.49
CA LEU A 166 -13.05 15.32 2.69
C LEU A 166 -14.42 15.18 3.34
N GLU A 167 -15.43 14.77 2.57
CA GLU A 167 -16.77 14.54 3.13
C GLU A 167 -16.84 13.28 3.99
N GLY A 168 -15.81 12.43 3.93
CA GLY A 168 -15.84 11.15 4.63
C GLY A 168 -16.58 10.07 3.87
N GLY A 169 -16.64 8.89 4.47
CA GLY A 169 -17.39 7.79 3.89
C GLY A 169 -16.61 6.78 3.05
N LYS A 170 -15.48 7.20 2.48
CA LYS A 170 -14.66 6.36 1.60
C LYS A 170 -13.20 6.56 1.93
N ASP A 171 -12.51 5.49 2.34
CA ASP A 171 -11.13 5.61 2.83
C ASP A 171 -10.49 4.22 2.92
N SER A 172 -9.16 4.20 3.00
CA SER A 172 -8.46 3.00 3.48
C SER A 172 -8.64 2.89 5.02
N CYS A 173 -8.28 1.75 5.60
CA CYS A 173 -8.48 1.54 7.03
C CYS A 173 -7.46 0.53 7.55
N GLN A 174 -7.59 0.21 8.83
CA GLN A 174 -6.72 -0.74 9.50
C GLN A 174 -6.63 -2.05 8.72
N GLY A 175 -5.41 -2.53 8.45
CA GLY A 175 -5.19 -3.73 7.68
C GLY A 175 -4.93 -3.51 6.20
N ASP A 176 -5.27 -2.31 5.70
CA ASP A 176 -4.88 -1.93 4.36
C ASP A 176 -3.42 -1.43 4.32
N SER A 177 -2.89 -1.11 5.50
CA SER A 177 -1.50 -0.62 5.68
C SER A 177 -0.53 -1.35 4.79
N GLY A 178 0.36 -0.57 4.17
CA GLY A 178 1.40 -1.13 3.32
C GLY A 178 0.99 -1.42 1.90
N GLY A 179 -0.32 -1.39 1.63
CA GLY A 179 -0.86 -1.65 0.29
C GLY A 179 -0.71 -0.52 -0.70
N PRO A 180 -1.11 -0.79 -1.95
CA PRO A 180 -0.90 0.13 -3.06
C PRO A 180 -1.87 1.29 -3.20
N VAL A 181 -1.34 2.40 -3.70
CA VAL A 181 -2.12 3.48 -4.26
C VAL A 181 -1.56 3.63 -5.68
N VAL A 182 -2.32 3.17 -6.68
CA VAL A 182 -1.86 3.16 -8.07
C VAL A 182 -2.60 4.20 -8.88
N CYS A 183 -1.83 5.03 -9.58
CA CYS A 183 -2.41 6.14 -10.34
C CYS A 183 -1.76 6.11 -11.71
N SER A 184 -2.61 6.08 -12.74
CA SER A 184 -2.17 6.00 -14.13
C SER A 184 -1.05 4.94 -14.30
N GLY A 185 -1.30 3.78 -13.71
CA GLY A 185 -0.45 2.62 -13.92
C GLY A 185 0.87 2.67 -13.19
N LYS A 186 1.01 3.61 -12.24
CA LYS A 186 2.25 3.70 -11.46
C LYS A 186 1.93 3.61 -9.98
N LEU A 187 2.83 2.99 -9.22
CA LEU A 187 2.72 2.95 -7.77
C LEU A 187 3.13 4.29 -7.17
N GLN A 188 2.15 5.15 -6.87
CA GLN A 188 2.45 6.49 -6.32
C GLN A 188 2.37 6.57 -4.80
N GLY A 189 1.64 5.66 -4.17
CA GLY A 189 1.49 5.72 -2.73
C GLY A 189 1.48 4.38 -2.04
N ILE A 190 1.72 4.43 -0.73
CA ILE A 190 1.62 3.28 0.16
C ILE A 190 0.68 3.66 1.29
N VAL A 191 -0.26 2.78 1.64
CA VAL A 191 -1.20 3.07 2.70
C VAL A 191 -0.43 3.25 4.02
N SER A 192 -0.46 4.47 4.59
CA SER A 192 0.41 4.80 5.73
C SER A 192 -0.33 5.10 7.04
N TRP A 193 -1.18 6.12 7.06
CA TRP A 193 -1.82 6.51 8.34
C TRP A 193 -3.01 7.40 8.12
N GLY A 194 -3.72 7.68 9.19
N GLY A 194 -3.71 7.69 9.19
CA GLY A 194 -4.81 8.65 9.18
CA GLY A 194 -4.83 8.64 9.18
C GLY A 194 -5.41 8.74 10.57
C GLY A 194 -5.58 8.56 10.50
N SER A 195 -6.42 9.59 10.72
N SER A 195 -6.31 9.62 10.82
CA SER A 195 -7.10 9.69 11.99
CA SER A 195 -7.06 9.68 12.07
C SER A 195 -8.45 9.05 11.86
C SER A 195 -8.41 9.03 11.85
N GLY A 196 -8.59 7.84 12.41
CA GLY A 196 -9.80 7.04 12.15
C GLY A 196 -9.81 6.61 10.69
N CYS A 197 -10.98 6.16 10.24
N CYS A 197 -10.95 6.11 10.22
CA CYS A 197 -11.21 5.82 8.82
CA CYS A 197 -11.12 5.88 8.78
C CYS A 197 -12.48 6.47 8.34
C CYS A 197 -12.46 6.38 8.29
N ALA A 198 -12.41 7.08 7.16
CA ALA A 198 -13.58 7.64 6.48
C ALA A 198 -14.29 8.73 7.27
N GLN A 199 -13.55 9.39 8.16
CA GLN A 199 -14.12 10.49 8.95
C GLN A 199 -14.06 11.78 8.17
N LYS A 200 -15.04 12.64 8.40
CA LYS A 200 -15.08 13.96 7.77
C LYS A 200 -13.79 14.71 8.07
N ASN A 201 -13.24 15.29 7.02
CA ASN A 201 -12.04 16.12 7.07
C ASN A 201 -10.78 15.42 7.57
N LYS A 202 -10.79 14.08 7.52
CA LYS A 202 -9.62 13.26 7.91
C LYS A 202 -9.35 12.22 6.84
N PRO A 203 -8.85 12.67 5.67
CA PRO A 203 -8.58 11.73 4.59
C PRO A 203 -7.39 10.83 4.91
N GLY A 204 -7.24 9.74 4.19
CA GLY A 204 -6.06 8.90 4.37
C GLY A 204 -4.78 9.61 3.96
N VAL A 205 -3.69 9.23 4.63
CA VAL A 205 -2.35 9.74 4.34
C VAL A 205 -1.48 8.56 3.83
N TYR A 206 -0.70 8.86 2.80
CA TYR A 206 0.03 7.87 2.01
C TYR A 206 1.48 8.26 1.84
N THR A 207 2.37 7.26 1.84
CA THR A 207 3.80 7.52 1.59
C THR A 207 3.96 7.92 0.13
N LYS A 208 4.71 8.99 -0.12
N LYS A 208 4.70 9.01 -0.12
CA LYS A 208 4.93 9.53 -1.45
CA LYS A 208 4.89 9.51 -1.48
C LYS A 208 6.06 8.77 -2.17
C LYS A 208 6.04 8.77 -2.17
N VAL A 209 5.68 7.71 -2.89
CA VAL A 209 6.63 6.75 -3.45
C VAL A 209 7.64 7.37 -4.40
N CYS A 210 7.22 8.41 -5.12
CA CYS A 210 8.12 9.02 -6.12
C CYS A 210 9.40 9.57 -5.49
N ASN A 211 9.38 9.89 -4.19
CA ASN A 211 10.58 10.38 -3.50
C ASN A 211 11.59 9.27 -3.21
N TYR A 212 11.19 8.00 -3.40
CA TYR A 212 11.99 6.85 -2.99
C TYR A 212 12.48 5.99 -4.13
N VAL A 213 12.23 6.38 -5.37
CA VAL A 213 12.56 5.52 -6.50
C VAL A 213 14.06 5.25 -6.65
N SER A 214 14.88 6.27 -6.42
N SER A 214 14.90 6.26 -6.42
CA SER A 214 16.33 6.11 -6.44
CA SER A 214 16.35 6.03 -6.49
C SER A 214 16.79 5.09 -5.40
C SER A 214 16.82 5.08 -5.38
N TRP A 215 16.28 5.22 -4.18
CA TRP A 215 16.61 4.29 -3.09
C TRP A 215 16.14 2.88 -3.41
N ILE A 216 14.92 2.75 -3.95
CA ILE A 216 14.39 1.43 -4.31
C ILE A 216 15.29 0.79 -5.37
N LYS A 217 15.60 1.53 -6.41
CA LYS A 217 16.39 0.95 -7.51
C LYS A 217 17.78 0.53 -7.05
N GLN A 218 18.46 1.37 -6.27
N GLN A 218 18.44 1.38 -6.27
CA GLN A 218 19.82 1.01 -5.86
CA GLN A 218 19.78 1.08 -5.79
C GLN A 218 19.83 -0.08 -4.80
C GLN A 218 19.77 -0.12 -4.86
N THR A 219 18.79 -0.14 -3.95
CA THR A 219 18.65 -1.25 -3.01
C THR A 219 18.50 -2.57 -3.75
N ILE A 220 17.59 -2.62 -4.72
CA ILE A 220 17.39 -3.85 -5.51
C ILE A 220 18.69 -4.23 -6.25
N ALA A 221 19.42 -3.24 -6.78
CA ALA A 221 20.63 -3.49 -7.54
C ALA A 221 21.74 -4.16 -6.74
N SER A 222 21.72 -4.03 -5.41
CA SER A 222 22.82 -4.53 -4.56
C SER A 222 22.40 -5.54 -3.51
N ASN A 223 21.14 -5.98 -3.55
CA ASN A 223 20.61 -6.93 -2.61
C ASN A 223 19.91 -8.12 -3.22
S DMS B . 0.64 9.07 12.87
S DMS B . 1.31 10.14 13.59
O DMS B . 2.08 9.47 13.10
O DMS B . 1.62 8.71 13.90
C1 DMS B . 0.24 7.62 13.81
C1 DMS B . 1.61 10.46 11.87
C2 DMS B . -0.47 10.24 13.61
C2 DMS B . -0.46 10.30 13.52
S DMS C . 11.77 7.15 16.42
O DMS C . 12.70 6.86 15.28
C1 DMS C . 11.71 5.69 17.42
C2 DMS C . 12.62 8.27 17.49
S DMS D . -5.82 -20.11 3.33
O DMS D . -4.49 -19.94 2.65
C1 DMS D . -5.95 -21.80 3.84
C2 DMS D . -5.71 -19.39 4.95
S DMS E . 0.65 12.48 17.48
O DMS E . -0.51 12.68 16.53
C1 DMS E . 1.76 11.27 16.84
C2 DMS E . 1.78 13.83 17.25
CA CA F . -6.63 -17.46 -1.19
C2 IAF G . -7.19 3.28 12.13
C3 IAF G . -6.85 3.96 10.93
C11 IAF G . -5.53 5.01 8.11
C14 IAF G . -6.58 4.65 7.06
C20 IAF G . -3.01 2.89 7.67
C24 IAF G . -5.32 1.71 11.86
C25 IAF G . -6.43 2.17 12.59
BR1 IAF G . -8.65 3.83 13.12
C5 IAF G . -5.74 3.46 10.23
C6 IAF G . -5.00 2.37 10.67
N7 IAF G . -4.01 2.12 9.78
C9 IAF G . -4.04 2.97 8.78
C10 IAF G . -5.07 3.84 8.94
N17 IAF G . -6.76 5.82 6.18
F27 IAF G . -4.59 0.66 12.28
#